data_6DGJ
#
_entry.id   6DGJ
#
_cell.length_a   39.932
_cell.length_b   29.150
_cell.length_c   41.554
_cell.angle_alpha   90.000
_cell.angle_beta   115.490
_cell.angle_gamma   90.000
#
_symmetry.space_group_name_H-M   'P 1 21 1'
#
loop_
_entity.id
_entity.type
_entity.pdbx_description
1 polymer RpfR
2 non-polymer '(2Z)-dodec-2-enoic acid'
3 water water
#
_entity_poly.entity_id   1
_entity_poly.type   'polypeptide(L)'
_entity_poly.pdbx_seq_one_letter_code
;QVVSEANSVIVILDRHGNIQRFNRLSEEYTGLKEQEVIGQNVFTLFMSPAEASASRRNVTGFFRNGSSYEVERWIKTRKG
QRLFLFRNKFVHSGSGRNEIFLICSGTDIT
;
_entity_poly.pdbx_strand_id   A
#
# COMPACT_ATOMS: atom_id res chain seq x y z
N VAL A 2 -6.46 23.24 10.34
CA VAL A 2 -6.63 21.80 10.14
C VAL A 2 -7.03 21.16 11.46
N VAL A 3 -8.25 20.63 11.50
CA VAL A 3 -8.84 20.20 12.76
C VAL A 3 -8.33 18.82 13.17
N SER A 4 -7.98 17.95 12.22
CA SER A 4 -7.62 16.58 12.55
C SER A 4 -6.68 16.02 11.48
N GLU A 5 -6.11 14.87 11.79
CA GLU A 5 -5.23 14.14 10.90
C GLU A 5 -5.61 12.66 10.92
N ALA A 6 -4.95 11.89 10.07
CA ALA A 6 -5.14 10.44 10.01
C ALA A 6 -3.89 9.73 10.54
N ASN A 7 -4.10 8.51 11.00
CA ASN A 7 -3.02 7.70 11.56
C ASN A 7 -2.66 6.50 10.70
N SER A 8 -3.29 6.35 9.53
CA SER A 8 -3.12 5.17 8.70
C SER A 8 -2.81 5.58 7.27
N VAL A 9 -1.86 4.87 6.67
CA VAL A 9 -1.60 5.01 5.24
C VAL A 9 -2.60 4.13 4.49
N ILE A 10 -3.45 4.78 3.69
CA ILE A 10 -4.54 4.11 3.00
C ILE A 10 -4.27 4.19 1.51
N VAL A 11 -3.92 3.06 0.91
CA VAL A 11 -3.67 2.96 -0.52
C VAL A 11 -4.64 1.95 -1.10
N ILE A 12 -5.29 2.32 -2.20
CA ILE A 12 -6.22 1.44 -2.91
C ILE A 12 -5.55 0.99 -4.19
N LEU A 13 -5.56 -0.32 -4.43
CA LEU A 13 -4.86 -0.94 -5.54
C LEU A 13 -5.83 -1.74 -6.40
N ASP A 14 -5.40 -2.03 -7.62
CA ASP A 14 -6.09 -2.97 -8.49
C ASP A 14 -5.31 -4.29 -8.53
N ARG A 15 -5.86 -5.27 -9.24
CA ARG A 15 -5.22 -6.58 -9.30
C ARG A 15 -3.80 -6.51 -9.83
N HIS A 16 -3.44 -5.44 -10.55
CA HIS A 16 -2.08 -5.26 -11.04
C HIS A 16 -1.18 -4.56 -10.03
N GLY A 17 -1.72 -4.07 -8.92
CA GLY A 17 -0.95 -3.32 -7.96
C GLY A 17 -0.77 -1.86 -8.29
N ASN A 18 -1.46 -1.37 -9.32
CA ASN A 18 -1.39 0.05 -9.66
C ASN A 18 -2.24 0.86 -8.68
N ILE A 19 -1.69 1.98 -8.22
CA ILE A 19 -2.33 2.75 -7.17
C ILE A 19 -3.55 3.47 -7.72
N GLN A 20 -4.61 3.53 -6.90
CA GLN A 20 -5.84 4.22 -7.24
C GLN A 20 -6.15 5.37 -6.30
N ARG A 21 -5.86 5.21 -5.00
CA ARG A 21 -5.99 6.29 -4.03
C ARG A 21 -4.77 6.26 -3.11
N PHE A 22 -4.37 7.45 -2.66
CA PHE A 22 -3.10 7.62 -1.95
C PHE A 22 -3.30 8.74 -0.93
N ASN A 23 -3.67 8.35 0.29
CA ASN A 23 -4.14 9.31 1.28
C ASN A 23 -3.01 10.26 1.69
N ARG A 24 -3.35 11.18 2.58
CA ARG A 24 -2.43 12.27 2.91
C ARG A 24 -1.21 11.77 3.68
N LEU A 25 -1.41 10.83 4.62
CA LEU A 25 -0.29 10.33 5.39
C LEU A 25 0.70 9.57 4.50
N SER A 26 0.21 8.92 3.44
CA SER A 26 1.11 8.26 2.50
C SER A 26 1.96 9.26 1.74
N GLU A 27 1.42 10.45 1.44
CA GLU A 27 2.21 11.48 0.78
C GLU A 27 3.33 11.97 1.69
N GLU A 28 3.01 12.18 2.98
CA GLU A 28 4.01 12.67 3.92
C GLU A 28 5.13 11.66 4.14
N TYR A 29 4.84 10.37 4.03
CA TYR A 29 5.88 9.36 4.19
C TYR A 29 6.79 9.28 2.97
N THR A 30 6.26 9.60 1.79
CA THR A 30 6.98 9.38 0.54
C THR A 30 7.44 10.65 -0.16
N GLY A 31 6.81 11.79 0.13
CA GLY A 31 7.08 13.00 -0.63
C GLY A 31 6.44 13.03 -2.00
N LEU A 32 5.62 12.04 -2.33
CA LEU A 32 4.93 11.97 -3.60
C LEU A 32 3.44 12.15 -3.37
N LYS A 33 2.83 13.07 -4.11
CA LYS A 33 1.42 13.35 -3.94
C LYS A 33 0.56 12.36 -4.73
N GLU A 34 -0.71 12.26 -4.33
CA GLU A 34 -1.61 11.29 -4.93
C GLU A 34 -1.65 11.42 -6.44
N GLN A 35 -1.65 12.65 -6.96
CA GLN A 35 -1.72 12.84 -8.41
C GLN A 35 -0.53 12.21 -9.11
N GLU A 36 0.62 12.09 -8.42
CA GLU A 36 1.82 11.56 -9.06
C GLU A 36 1.80 10.04 -9.13
N VAL A 37 1.10 9.36 -8.23
CA VAL A 37 1.27 7.92 -8.05
C VAL A 37 0.05 7.11 -8.49
N ILE A 38 -1.07 7.74 -8.79
CA ILE A 38 -2.22 6.99 -9.30
C ILE A 38 -1.88 6.46 -10.69
N GLY A 39 -2.13 5.16 -10.89
CA GLY A 39 -1.72 4.48 -12.09
C GLY A 39 -0.32 3.92 -12.03
N GLN A 40 0.49 4.31 -11.04
CA GLN A 40 1.83 3.78 -10.87
C GLN A 40 1.78 2.49 -10.06
N ASN A 41 2.74 1.61 -10.31
CA ASN A 41 2.80 0.33 -9.62
C ASN A 41 3.37 0.52 -8.21
N VAL A 42 2.64 0.03 -7.21
CA VAL A 42 3.06 0.23 -5.83
C VAL A 42 4.27 -0.63 -5.50
N PHE A 43 4.38 -1.82 -6.10
CA PHE A 43 5.48 -2.72 -5.77
C PHE A 43 6.82 -2.10 -6.16
N THR A 44 6.95 -1.69 -7.42
CA THR A 44 8.22 -1.15 -7.89
C THR A 44 8.51 0.23 -7.30
N LEU A 45 7.49 0.95 -6.84
CA LEU A 45 7.70 2.28 -6.30
C LEU A 45 8.22 2.24 -4.86
N PHE A 46 7.58 1.43 -4.01
CA PHE A 46 7.69 1.59 -2.56
C PHE A 46 8.22 0.36 -1.83
N MET A 47 8.74 -0.65 -2.54
CA MET A 47 9.29 -1.80 -1.84
C MET A 47 10.42 -2.41 -2.66
N SER A 48 11.31 -3.11 -1.94
CA SER A 48 12.48 -3.72 -2.55
C SER A 48 12.07 -4.93 -3.37
N PRO A 49 12.98 -5.47 -4.18
CA PRO A 49 12.63 -6.67 -4.98
C PRO A 49 12.14 -7.82 -4.12
N ALA A 50 12.77 -8.06 -2.97
CA ALA A 50 12.36 -9.17 -2.12
C ALA A 50 10.94 -8.96 -1.60
N GLU A 51 10.66 -7.76 -1.09
CA GLU A 51 9.31 -7.46 -0.61
C GLU A 51 8.33 -7.35 -1.77
N ALA A 52 8.75 -6.71 -2.86
CA ALA A 52 7.90 -6.60 -4.04
C ALA A 52 7.47 -7.98 -4.53
N SER A 53 8.39 -8.94 -4.53
CA SER A 53 8.08 -10.27 -5.03
C SER A 53 6.98 -10.92 -4.20
N ALA A 54 7.21 -11.05 -2.89
CA ALA A 54 6.23 -11.70 -2.02
C ALA A 54 4.91 -10.95 -2.03
N SER A 55 4.95 -9.63 -2.05
CA SER A 55 3.72 -8.85 -2.04
C SER A 55 2.93 -9.03 -3.33
N ARG A 56 3.61 -8.99 -4.47
CA ARG A 56 2.92 -9.08 -5.76
C ARG A 56 2.21 -10.42 -5.91
N ARG A 57 2.75 -11.48 -5.30
CA ARG A 57 2.08 -12.78 -5.33
C ARG A 57 0.86 -12.77 -4.42
N ASN A 58 0.94 -12.07 -3.28
CA ASN A 58 -0.20 -11.97 -2.39
C ASN A 58 -1.37 -11.29 -3.08
N VAL A 59 -1.13 -10.13 -3.68
CA VAL A 59 -2.20 -9.38 -4.33
C VAL A 59 -2.81 -10.19 -5.46
N THR A 60 -1.97 -10.83 -6.28
CA THR A 60 -2.48 -11.65 -7.37
C THR A 60 -3.25 -12.85 -6.83
N GLY A 61 -2.72 -13.52 -5.81
CA GLY A 61 -3.43 -14.64 -5.21
C GLY A 61 -4.66 -14.21 -4.46
N PHE A 62 -4.62 -13.04 -3.81
CA PHE A 62 -5.79 -12.54 -3.09
C PHE A 62 -6.94 -12.25 -4.03
N PHE A 63 -6.65 -11.79 -5.25
CA PHE A 63 -7.71 -11.49 -6.20
C PHE A 63 -8.32 -12.73 -6.83
N ARG A 64 -7.75 -13.91 -6.58
CA ARG A 64 -8.29 -15.17 -7.08
C ARG A 64 -9.17 -15.86 -6.04
N ASN A 65 -8.63 -16.11 -4.85
CA ASN A 65 -9.37 -16.68 -3.72
C ASN A 65 -9.21 -15.71 -2.55
N GLY A 66 -9.97 -14.62 -2.58
CA GLY A 66 -9.73 -13.50 -1.71
C GLY A 66 -10.45 -13.54 -0.38
N SER A 67 -9.67 -13.58 0.70
CA SER A 67 -10.18 -13.44 2.05
C SER A 67 -9.35 -12.38 2.77
N SER A 68 -10.03 -11.50 3.50
CA SER A 68 -9.34 -10.43 4.21
C SER A 68 -8.23 -11.01 5.08
N TYR A 69 -7.15 -10.25 5.22
CA TYR A 69 -5.96 -10.72 5.92
C TYR A 69 -5.11 -9.53 6.30
N GLU A 70 -4.13 -9.79 7.17
CA GLU A 70 -3.16 -8.80 7.58
C GLU A 70 -1.77 -9.23 7.14
N VAL A 71 -0.92 -8.24 6.88
CA VAL A 71 0.43 -8.49 6.38
C VAL A 71 1.36 -7.41 6.92
N GLU A 72 2.60 -7.81 7.17
CA GLU A 72 3.66 -6.88 7.55
C GLU A 72 4.60 -6.73 6.36
N ARG A 73 4.74 -5.50 5.87
CA ARG A 73 5.51 -5.23 4.66
C ARG A 73 6.48 -4.10 4.94
N TRP A 74 7.77 -4.35 4.71
CA TRP A 74 8.77 -3.31 4.80
C TRP A 74 8.57 -2.33 3.64
N ILE A 75 8.20 -1.11 3.95
CA ILE A 75 7.91 -0.09 2.95
C ILE A 75 9.08 0.87 2.86
N LYS A 76 9.24 1.44 1.68
CA LYS A 76 10.41 2.25 1.32
C LYS A 76 9.98 3.71 1.32
N THR A 77 10.39 4.45 2.34
CA THR A 77 9.91 5.80 2.60
C THR A 77 11.03 6.82 2.46
N ARG A 78 10.69 8.08 2.74
CA ARG A 78 11.65 9.17 2.69
C ARG A 78 12.70 9.05 3.78
N LYS A 79 12.43 8.29 4.85
CA LYS A 79 13.38 8.09 5.93
C LYS A 79 13.83 6.64 5.98
N GLY A 80 14.25 6.10 4.85
CA GLY A 80 14.59 4.70 4.77
C GLY A 80 13.35 3.83 4.76
N GLN A 81 13.57 2.54 4.99
CA GLN A 81 12.48 1.58 5.02
C GLN A 81 11.75 1.66 6.35
N ARG A 82 10.45 1.38 6.31
CA ARG A 82 9.63 1.37 7.52
C ARG A 82 8.64 0.21 7.42
N LEU A 83 8.48 -0.51 8.53
CA LEU A 83 7.61 -1.68 8.55
C LEU A 83 6.18 -1.27 8.85
N PHE A 84 5.25 -1.70 8.01
CA PHE A 84 3.84 -1.36 8.14
C PHE A 84 3.01 -2.63 8.26
N LEU A 85 2.03 -2.61 9.16
CA LEU A 85 0.99 -3.63 9.20
C LEU A 85 -0.16 -3.16 8.31
N PHE A 86 -0.43 -3.90 7.25
CA PHE A 86 -1.51 -3.57 6.33
C PHE A 86 -2.68 -4.52 6.54
N ARG A 87 -3.87 -3.95 6.71
CA ARG A 87 -5.11 -4.71 6.76
C ARG A 87 -5.75 -4.62 5.38
N ASN A 88 -5.77 -5.74 4.67
CA ASN A 88 -6.15 -5.78 3.27
C ASN A 88 -7.49 -6.49 3.09
N LYS A 89 -8.34 -5.91 2.25
CA LYS A 89 -9.67 -6.45 2.00
C LYS A 89 -10.22 -5.82 0.74
N PHE A 90 -11.18 -6.51 0.12
CA PHE A 90 -11.88 -5.95 -1.02
C PHE A 90 -12.75 -4.78 -0.58
N VAL A 91 -13.21 -4.01 -1.56
CA VAL A 91 -14.13 -2.90 -1.30
C VAL A 91 -15.46 -3.46 -0.82
N GLU A 99 -15.69 -6.67 -7.66
CA GLU A 99 -14.53 -6.51 -6.80
C GLU A 99 -13.29 -6.23 -7.63
N ILE A 100 -12.99 -4.95 -7.85
CA ILE A 100 -11.92 -4.57 -8.76
C ILE A 100 -10.76 -4.06 -7.94
N PHE A 101 -11.06 -3.43 -6.80
CA PHE A 101 -10.07 -2.68 -6.05
C PHE A 101 -9.82 -3.31 -4.69
N LEU A 102 -8.60 -3.10 -4.19
CA LEU A 102 -8.12 -3.63 -2.93
C LEU A 102 -7.76 -2.47 -2.02
N ILE A 103 -8.40 -2.38 -0.86
CA ILE A 103 -8.11 -1.36 0.14
C ILE A 103 -6.99 -1.86 1.05
N CYS A 104 -5.96 -1.03 1.24
CA CYS A 104 -4.84 -1.37 2.10
C CYS A 104 -4.80 -0.35 3.24
N SER A 105 -5.06 -0.81 4.46
CA SER A 105 -5.09 0.03 5.65
C SER A 105 -3.82 -0.24 6.45
N GLY A 106 -2.85 0.67 6.36
CA GLY A 106 -1.53 0.47 6.91
C GLY A 106 -1.28 1.25 8.18
N THR A 107 -0.43 0.68 9.05
CA THR A 107 0.00 1.34 10.28
C THR A 107 1.50 1.13 10.42
N ASP A 108 2.24 2.21 10.65
CA ASP A 108 3.68 2.13 10.85
C ASP A 108 3.97 1.43 12.18
N ILE A 109 4.42 0.19 12.12
CA ILE A 109 4.70 -0.59 13.31
C ILE A 109 6.20 -0.70 13.58
N THR A 110 7.00 0.17 12.97
CA THR A 110 8.45 0.14 13.16
C THR A 110 8.79 0.48 14.61
#